data_4PS4
#
_entry.id   4PS4
#
_cell.length_a   63.210
_cell.length_b   72.160
_cell.length_c   113.820
_cell.angle_alpha   90.00
_cell.angle_beta   90.00
_cell.angle_gamma   90.00
#
_symmetry.space_group_name_H-M   'P 21 21 21'
#
loop_
_entity.id
_entity.type
_entity.pdbx_description
1 polymer 'M1295 LIGHT CHAIN'
2 polymer 'M1295 HEAVY CHAIN'
3 polymer Interleukin-13
#
loop_
_entity_poly.entity_id
_entity_poly.type
_entity_poly.pdbx_seq_one_letter_code
_entity_poly.pdbx_strand_id
1 'polypeptide(L)'
;EIVLTQSPATLSLSPGERATLSCRASKSISKYLAWYQQKPGQAPRLLIYSGSTLQSGIPARFSGSGSGTDFTLTISSLEP
EDFAVYYCQQHDYPYTFGQGTKLEIKRTVAAPSVFIFPPSDEQLKSGTASVVCLLNNFYPREAKVQWKVDNALQSGNSQE
SVTEQDSKDSTYSLSSTLTLSKADYEKHKVYACEVTHQGLSSPVTKSFNRGEC
;
L
2 'polypeptide(L)'
;(PCA)VTLKESGPVLVKPTETLTLTCTVSGFSLSTYGVGVGWIRQPPGKALEWLAHIWWDDVKRYNPALKSRLTISKDTS
KSQVVLTMTNMDPVDTATYYCARLGSDYDVWFDYWGQGTLVTVSSASTKGPSVFPLAPSSKSTSGGTAALGCLVKDYFPE
PVTVSWNSGALTSGVHTFPAVLQSSGLYSLSSVVTVPSSSLGTQTYICNVNHKPSNTKVDKKVEPKSCDKTH
;
H
3 'polypeptide(L)'
;MGPVPPSTALRELIEELVNITQNQKAPLCNGSMVWSINLTAGMYCAALESLINVSGCSAIEKTQRMLSGFCPHKVSAGQF
SSLHVRDTKIEVAQFVKDLLLHLKKLFREGRFN
;
A
#
# COMPACT_ATOMS: atom_id res chain seq x y z
N GLU A 1 13.00 -3.65 -20.98
CA GLU A 1 12.99 -2.87 -19.70
C GLU A 1 12.78 -3.81 -18.49
N ILE A 2 13.74 -3.77 -17.57
CA ILE A 2 13.85 -4.73 -16.45
C ILE A 2 12.59 -4.84 -15.59
N VAL A 3 12.21 -6.08 -15.27
CA VAL A 3 11.00 -6.37 -14.48
C VAL A 3 11.35 -7.10 -13.17
N LEU A 4 10.75 -6.67 -12.07
CA LEU A 4 10.96 -7.30 -10.77
C LEU A 4 9.80 -8.21 -10.36
N THR A 5 10.02 -9.51 -10.45
CA THR A 5 9.00 -10.51 -10.09
C THR A 5 9.26 -11.05 -8.68
N GLN A 6 8.28 -10.90 -7.80
CA GLN A 6 8.38 -11.37 -6.42
C GLN A 6 7.63 -12.67 -6.19
N SER A 7 8.30 -13.61 -5.52
CA SER A 7 7.79 -14.96 -5.31
C SER A 7 8.01 -15.43 -3.87
N PRO A 8 6.97 -16.03 -3.25
CA PRO A 8 5.63 -16.21 -3.81
C PRO A 8 4.78 -14.96 -3.61
N ALA A 9 3.56 -14.97 -4.15
CA ALA A 9 2.62 -13.87 -3.95
C ALA A 9 2.14 -13.78 -2.49
N THR A 10 2.04 -14.93 -1.83
CA THR A 10 1.62 -15.01 -0.43
C THR A 10 2.45 -16.04 0.32
N LEU A 11 2.71 -15.79 1.60
CA LEU A 11 3.52 -16.68 2.42
C LEU A 11 2.92 -16.91 3.81
N SER A 12 2.75 -18.18 4.18
CA SER A 12 2.17 -18.55 5.47
C SER A 12 3.20 -19.17 6.42
N LEU A 13 3.58 -18.40 7.43
CA LEU A 13 4.53 -18.87 8.42
C LEU A 13 4.09 -18.47 9.82
N SER A 14 4.49 -19.27 10.81
CA SER A 14 4.24 -18.96 12.22
C SER A 14 5.40 -18.16 12.80
N PRO A 15 5.15 -17.38 13.86
CA PRO A 15 6.23 -16.74 14.59
C PRO A 15 7.29 -17.73 15.07
N GLY A 16 8.55 -17.32 15.02
CA GLY A 16 9.68 -18.19 15.38
C GLY A 16 10.36 -18.81 14.17
N GLU A 17 9.62 -18.90 13.06
CA GLU A 17 10.11 -19.51 11.82
C GLU A 17 11.00 -18.58 10.99
N ARG A 18 11.85 -19.18 10.17
CA ARG A 18 12.72 -18.45 9.26
C ARG A 18 11.98 -18.14 7.96
N ALA A 19 11.93 -16.86 7.60
CA ALA A 19 11.21 -16.40 6.42
C ALA A 19 12.17 -16.12 5.27
N THR A 20 11.76 -16.50 4.06
CA THR A 20 12.55 -16.27 2.86
C THR A 20 11.66 -15.77 1.72
N LEU A 21 11.82 -14.50 1.39
CA LEU A 21 11.11 -13.86 0.29
C LEU A 21 12.06 -13.67 -0.87
N SER A 22 11.54 -13.78 -2.09
CA SER A 22 12.37 -13.69 -3.28
CA SER A 22 12.37 -13.70 -3.29
C SER A 22 11.96 -12.55 -4.20
N CYS A 23 12.95 -11.95 -4.84
CA CYS A 23 12.77 -10.89 -5.83
C CYS A 23 13.73 -11.20 -6.98
N ARG A 24 13.20 -11.20 -8.20
CA ARG A 24 13.99 -11.59 -9.37
C ARG A 24 13.90 -10.58 -10.51
N ALA A 25 15.06 -10.14 -10.97
CA ALA A 25 15.14 -9.19 -12.07
C ALA A 25 15.34 -9.93 -13.40
N SER A 26 14.80 -9.36 -14.47
CA SER A 26 14.91 -9.93 -15.81
C SER A 26 16.21 -9.53 -16.51
N LYS A 27 17.17 -9.04 -15.73
CA LYS A 27 18.49 -8.61 -16.20
C LYS A 27 19.32 -8.25 -14.97
N SER A 28 20.64 -8.27 -15.10
CA SER A 28 21.52 -7.97 -13.97
C SER A 28 21.39 -6.53 -13.48
N ILE A 29 21.25 -6.38 -12.17
CA ILE A 29 21.24 -5.07 -11.52
C ILE A 29 22.26 -4.99 -10.38
N SER A 30 23.25 -5.89 -10.44
CA SER A 30 24.30 -5.99 -9.42
C SER A 30 23.71 -6.10 -8.01
N LYS A 31 24.42 -5.61 -7.00
CA LYS A 31 23.97 -5.74 -5.61
C LYS A 31 23.01 -4.64 -5.17
N TYR A 32 22.46 -3.89 -6.12
CA TYR A 32 21.73 -2.69 -5.78
C TYR A 32 20.21 -2.86 -5.80
N LEU A 33 19.72 -3.50 -4.73
CA LEU A 33 18.29 -3.73 -4.52
C LEU A 33 17.91 -3.35 -3.09
N ALA A 34 16.79 -2.64 -2.96
CA ALA A 34 16.26 -2.22 -1.65
C ALA A 34 14.98 -2.97 -1.29
N TRP A 35 14.67 -3.02 0.00
CA TRP A 35 13.46 -3.71 0.49
C TRP A 35 12.62 -2.83 1.40
N TYR A 36 11.30 -2.92 1.25
CA TYR A 36 10.37 -2.15 2.05
C TYR A 36 9.29 -3.04 2.67
N GLN A 37 8.86 -2.66 3.87
CA GLN A 37 7.76 -3.31 4.57
C GLN A 37 6.56 -2.37 4.59
N GLN A 38 5.36 -2.91 4.35
CA GLN A 38 4.15 -2.10 4.40
C GLN A 38 3.01 -2.75 5.16
N LYS A 39 2.51 -2.02 6.17
CA LYS A 39 1.31 -2.39 6.89
C LYS A 39 0.10 -1.60 6.37
N PRO A 40 -1.13 -2.15 6.54
CA PRO A 40 -2.32 -1.56 5.93
C PRO A 40 -2.63 -0.16 6.43
N GLY A 41 -2.78 0.78 5.50
CA GLY A 41 -3.06 2.18 5.84
C GLY A 41 -1.84 2.95 6.28
N GLN A 42 -0.66 2.41 5.97
CA GLN A 42 0.60 3.03 6.38
C GLN A 42 1.61 3.07 5.23
N ALA A 43 2.45 4.09 5.27
CA ALA A 43 3.55 4.26 4.33
C ALA A 43 4.52 3.09 4.40
N PRO A 44 5.18 2.77 3.27
CA PRO A 44 6.25 1.76 3.29
C PRO A 44 7.39 2.12 4.26
N ARG A 45 8.09 1.10 4.75
CA ARG A 45 9.18 1.30 5.70
C ARG A 45 10.43 0.62 5.13
N LEU A 46 11.48 1.42 4.89
CA LEU A 46 12.73 0.89 4.37
C LEU A 46 13.44 -0.03 5.37
N LEU A 47 13.74 -1.24 4.92
CA LEU A 47 14.39 -2.25 5.74
C LEU A 47 15.85 -2.42 5.38
N ILE A 48 16.10 -2.58 4.08
CA ILE A 48 17.43 -2.92 3.56
C ILE A 48 17.70 -2.13 2.28
N TYR A 49 18.93 -1.62 2.15
CA TYR A 49 19.39 -1.03 0.91
C TYR A 49 20.71 -1.64 0.45
N SER A 50 21.01 -1.50 -0.84
CA SER A 50 22.22 -2.06 -1.45
C SER A 50 22.37 -3.56 -1.14
N GLY A 51 21.37 -4.33 -1.53
CA GLY A 51 21.40 -5.78 -1.35
C GLY A 51 21.17 -6.23 0.09
N SER A 52 22.05 -5.78 0.99
CA SER A 52 22.09 -6.33 2.35
C SER A 52 22.28 -5.36 3.53
N THR A 53 22.63 -4.10 3.26
CA THR A 53 22.83 -3.12 4.34
C THR A 53 21.53 -2.85 5.10
N LEU A 54 21.55 -3.17 6.39
CA LEU A 54 20.40 -3.01 7.28
C LEU A 54 20.16 -1.56 7.66
N GLN A 55 18.93 -1.10 7.50
CA GLN A 55 18.54 0.26 7.85
C GLN A 55 18.50 0.43 9.36
N SER A 56 18.88 1.64 9.82
CA SER A 56 18.80 2.02 11.21
C SER A 56 17.37 1.94 11.73
N GLY A 57 17.20 1.34 12.91
CA GLY A 57 15.89 1.16 13.53
C GLY A 57 15.30 -0.21 13.28
N ILE A 58 15.77 -0.87 12.22
CA ILE A 58 15.28 -2.20 11.82
C ILE A 58 16.01 -3.30 12.59
N PRO A 59 15.26 -4.21 13.22
CA PRO A 59 15.87 -5.25 14.06
C PRO A 59 16.76 -6.22 13.26
N ALA A 60 17.85 -6.64 13.89
CA ALA A 60 18.89 -7.45 13.25
C ALA A 60 18.44 -8.77 12.61
N ARG A 61 17.27 -9.27 13.00
CA ARG A 61 16.76 -10.53 12.41
C ARG A 61 16.54 -10.44 10.90
N PHE A 62 16.44 -9.21 10.40
CA PHE A 62 16.32 -8.92 8.98
C PHE A 62 17.67 -8.90 8.29
N SER A 63 17.69 -9.40 7.05
CA SER A 63 18.87 -9.32 6.20
C SER A 63 18.48 -9.58 4.73
N GLY A 64 19.33 -9.13 3.82
CA GLY A 64 19.16 -9.41 2.40
C GLY A 64 20.41 -10.06 1.84
N SER A 65 20.32 -10.55 0.61
CA SER A 65 21.47 -11.15 -0.07
C SER A 65 21.23 -11.22 -1.58
N GLY A 66 22.30 -11.51 -2.32
CA GLY A 66 22.21 -11.72 -3.77
C GLY A 66 22.68 -10.55 -4.60
N SER A 67 23.15 -10.85 -5.81
CA SER A 67 23.50 -9.85 -6.81
C SER A 67 23.27 -10.42 -8.21
N GLY A 68 23.03 -9.52 -9.17
CA GLY A 68 22.70 -9.93 -10.53
C GLY A 68 21.20 -10.01 -10.72
N THR A 69 20.64 -11.21 -10.62
CA THR A 69 19.21 -11.42 -10.84
C THR A 69 18.44 -11.97 -9.62
N ASP A 70 19.10 -12.81 -8.83
CA ASP A 70 18.41 -13.51 -7.73
C ASP A 70 18.65 -12.93 -6.35
N PHE A 71 17.63 -12.26 -5.82
CA PHE A 71 17.72 -11.57 -4.53
C PHE A 71 16.82 -12.19 -3.47
N THR A 72 17.15 -11.95 -2.21
CA THR A 72 16.42 -12.52 -1.10
C THR A 72 16.38 -11.57 0.10
N LEU A 73 15.20 -11.40 0.68
CA LEU A 73 15.09 -10.85 2.02
C LEU A 73 14.81 -12.01 2.95
N THR A 74 15.62 -12.13 4.00
CA THR A 74 15.42 -13.19 5.01
C THR A 74 15.11 -12.61 6.39
N ILE A 75 14.27 -13.32 7.14
CA ILE A 75 13.99 -12.96 8.52
C ILE A 75 14.33 -14.18 9.37
N SER A 76 15.35 -14.04 10.23
CA SER A 76 15.92 -15.18 10.95
C SER A 76 14.88 -15.90 11.82
N SER A 77 14.12 -15.13 12.58
CA SER A 77 13.10 -15.66 13.48
C SER A 77 11.95 -14.66 13.61
N LEU A 78 10.82 -15.00 13.00
CA LEU A 78 9.68 -14.09 12.90
C LEU A 78 9.07 -13.64 14.24
N GLU A 79 8.55 -12.42 14.24
CA GLU A 79 7.83 -11.86 15.37
C GLU A 79 6.45 -11.40 14.87
N PRO A 80 5.45 -11.33 15.77
CA PRO A 80 4.10 -10.94 15.37
C PRO A 80 4.04 -9.66 14.52
N GLU A 81 4.87 -8.67 14.86
CA GLU A 81 4.86 -7.38 14.19
C GLU A 81 5.51 -7.39 12.80
N ASP A 82 6.07 -8.53 12.41
CA ASP A 82 6.81 -8.63 11.15
C ASP A 82 5.95 -9.02 9.95
N PHE A 83 4.69 -9.37 10.19
CA PHE A 83 3.79 -9.83 9.14
C PHE A 83 3.09 -8.67 8.42
N ALA A 84 3.39 -8.54 7.13
CA ALA A 84 2.92 -7.44 6.29
C ALA A 84 3.30 -7.69 4.84
N VAL A 85 3.19 -6.66 4.00
CA VAL A 85 3.55 -6.78 2.59
C VAL A 85 4.97 -6.27 2.39
N TYR A 86 5.75 -6.98 1.58
CA TYR A 86 7.16 -6.66 1.33
C TYR A 86 7.46 -6.40 -0.14
N TYR A 87 8.01 -5.22 -0.43
CA TYR A 87 8.37 -4.83 -1.80
C TYR A 87 9.88 -4.70 -1.95
N CYS A 88 10.39 -5.11 -3.11
CA CYS A 88 11.78 -4.85 -3.48
C CYS A 88 11.83 -3.66 -4.45
N GLN A 89 12.98 -2.99 -4.49
CA GLN A 89 13.16 -1.84 -5.37
C GLN A 89 14.52 -1.85 -6.03
N GLN A 90 14.50 -1.65 -7.35
CA GLN A 90 15.71 -1.47 -8.14
C GLN A 90 16.25 -0.08 -7.84
N HIS A 91 17.52 0.02 -7.46
CA HIS A 91 18.20 1.30 -7.24
C HIS A 91 18.31 2.10 -8.54
N ASP A 92 18.56 1.38 -9.64
CA ASP A 92 18.77 2.00 -10.95
C ASP A 92 17.50 2.56 -11.55
N TYR A 93 17.65 3.60 -12.36
CA TYR A 93 16.56 4.11 -13.20
C TYR A 93 16.01 2.95 -14.04
N PRO A 94 14.67 2.85 -14.19
CA PRO A 94 13.60 3.74 -13.72
C PRO A 94 12.99 3.38 -12.37
N TYR A 95 13.79 2.80 -11.48
CA TYR A 95 13.42 2.55 -10.08
C TYR A 95 12.17 1.69 -9.92
N THR A 96 12.16 0.55 -10.62
CA THR A 96 11.03 -0.36 -10.63
C THR A 96 10.81 -0.98 -9.24
N PHE A 97 9.56 -1.10 -8.86
CA PHE A 97 9.18 -1.84 -7.66
C PHE A 97 8.68 -3.24 -8.03
N GLY A 98 8.83 -4.18 -7.10
CA GLY A 98 8.27 -5.52 -7.28
C GLY A 98 6.77 -5.52 -7.06
N GLN A 99 6.14 -6.66 -7.32
CA GLN A 99 4.69 -6.82 -7.16
C GLN A 99 4.24 -7.00 -5.71
N GLY A 100 5.19 -7.35 -4.84
CA GLY A 100 4.92 -7.49 -3.41
C GLY A 100 4.57 -8.89 -2.96
N THR A 101 5.19 -9.32 -1.87
CA THR A 101 4.86 -10.59 -1.22
C THR A 101 4.13 -10.30 0.09
N LYS A 102 2.98 -10.95 0.29
CA LYS A 102 2.24 -10.82 1.53
C LYS A 102 2.62 -11.91 2.52
N LEU A 103 3.19 -11.49 3.64
CA LEU A 103 3.56 -12.38 4.72
C LEU A 103 2.41 -12.50 5.73
N GLU A 104 1.83 -13.69 5.80
CA GLU A 104 0.67 -13.99 6.64
C GLU A 104 1.07 -14.88 7.81
N ILE A 105 0.47 -14.64 8.99
CA ILE A 105 0.66 -15.50 10.16
C ILE A 105 -0.11 -16.81 9.97
N LYS A 106 0.61 -17.94 10.09
CA LYS A 106 -0.03 -19.25 10.12
C LYS A 106 -0.48 -19.56 11.54
N ARG A 107 -1.71 -20.02 11.70
CA ARG A 107 -2.24 -20.38 13.01
C ARG A 107 -3.18 -21.59 12.94
N THR A 108 -3.57 -22.10 14.12
CA THR A 108 -4.47 -23.26 14.22
C THR A 108 -5.81 -22.96 13.55
N VAL A 109 -6.37 -23.96 12.89
CA VAL A 109 -7.64 -23.85 12.17
C VAL A 109 -8.78 -23.37 13.06
N ALA A 110 -9.50 -22.35 12.59
CA ALA A 110 -10.67 -21.84 13.31
C ALA A 110 -11.86 -21.63 12.36
N ALA A 111 -12.94 -22.36 12.61
CA ALA A 111 -14.19 -22.23 11.87
C ALA A 111 -14.82 -20.85 12.08
N PRO A 112 -15.46 -20.29 11.04
CA PRO A 112 -16.15 -19.00 11.18
C PRO A 112 -17.46 -19.10 11.95
N SER A 113 -17.95 -17.96 12.42
CA SER A 113 -19.34 -17.85 12.84
C SER A 113 -20.11 -17.21 11.69
N VAL A 114 -21.19 -17.87 11.26
CA VAL A 114 -21.94 -17.43 10.10
C VAL A 114 -23.22 -16.71 10.50
N PHE A 115 -23.47 -15.55 9.88
CA PHE A 115 -24.67 -14.76 10.12
C PHE A 115 -25.27 -14.29 8.80
N ILE A 116 -26.59 -14.42 8.69
CA ILE A 116 -27.28 -13.92 7.50
C ILE A 116 -28.13 -12.70 7.86
N PHE A 117 -28.06 -11.68 7.02
CA PHE A 117 -28.83 -10.45 7.21
C PHE A 117 -29.75 -10.19 6.01
N PRO A 118 -31.07 -10.04 6.28
CA PRO A 118 -31.98 -9.64 5.21
C PRO A 118 -31.77 -8.16 4.88
N PRO A 119 -32.22 -7.71 3.69
CA PRO A 119 -32.20 -6.27 3.42
C PRO A 119 -33.18 -5.52 4.34
N SER A 120 -32.84 -4.28 4.66
CA SER A 120 -33.69 -3.44 5.51
C SER A 120 -34.95 -2.96 4.78
N ASP A 121 -36.01 -2.68 5.54
CA ASP A 121 -37.24 -2.12 5.00
C ASP A 121 -37.03 -0.71 4.45
N GLU A 122 -36.02 -0.01 4.96
CA GLU A 122 -35.67 1.32 4.49
C GLU A 122 -34.99 1.27 3.12
N GLN A 123 -34.16 0.25 2.89
CA GLN A 123 -33.47 0.08 1.61
C GLN A 123 -34.41 -0.32 0.50
N LEU A 124 -35.38 -1.17 0.83
CA LEU A 124 -36.36 -1.65 -0.15
C LEU A 124 -37.20 -0.50 -0.71
N LYS A 125 -37.44 0.52 0.13
CA LYS A 125 -38.13 1.74 -0.31
C LYS A 125 -37.32 2.57 -1.30
N SER A 126 -36.12 2.12 -1.65
CA SER A 126 -35.32 2.73 -2.70
C SER A 126 -35.26 1.83 -3.93
N GLY A 127 -35.87 0.64 -3.83
CA GLY A 127 -35.98 -0.27 -4.95
C GLY A 127 -34.79 -1.21 -5.16
N THR A 128 -33.94 -1.30 -4.14
CA THR A 128 -32.78 -2.17 -4.18
C THR A 128 -32.73 -3.07 -2.95
N ALA A 129 -32.21 -4.28 -3.11
CA ALA A 129 -32.08 -5.24 -2.02
C ALA A 129 -30.64 -5.71 -1.85
N SER A 130 -30.15 -5.63 -0.61
CA SER A 130 -28.82 -6.15 -0.29
C SER A 130 -28.88 -7.20 0.80
N VAL A 131 -28.57 -8.44 0.43
CA VAL A 131 -28.49 -9.54 1.38
C VAL A 131 -27.04 -9.70 1.79
N VAL A 132 -26.78 -9.67 3.10
CA VAL A 132 -25.42 -9.72 3.62
C VAL A 132 -25.19 -11.00 4.41
N CYS A 133 -24.22 -11.79 3.97
CA CYS A 133 -23.80 -12.96 4.73
C CYS A 133 -22.44 -12.70 5.36
N LEU A 134 -22.34 -12.87 6.67
CA LEU A 134 -21.11 -12.60 7.41
C LEU A 134 -20.42 -13.87 7.92
N LEU A 135 -19.16 -14.04 7.53
CA LEU A 135 -18.27 -15.04 8.10
C LEU A 135 -17.33 -14.31 9.05
N ASN A 136 -17.25 -14.80 10.29
CA ASN A 136 -16.61 -14.05 11.37
C ASN A 136 -15.52 -14.84 12.09
N ASN A 137 -14.37 -14.20 12.26
CA ASN A 137 -13.24 -14.72 13.05
C ASN A 137 -12.79 -16.14 12.71
N PHE A 138 -12.18 -16.30 11.54
CA PHE A 138 -11.82 -17.63 11.04
C PHE A 138 -10.42 -17.70 10.43
N TYR A 139 -9.89 -18.92 10.36
CA TYR A 139 -8.62 -19.20 9.67
C TYR A 139 -8.64 -20.64 9.15
N PRO A 140 -8.07 -20.89 7.95
CA PRO A 140 -7.40 -19.94 7.04
C PRO A 140 -8.32 -18.99 6.29
N ARG A 141 -7.74 -18.19 5.39
CA ARG A 141 -8.48 -17.20 4.60
C ARG A 141 -9.39 -17.85 3.57
N GLU A 142 -8.97 -19.01 3.08
CA GLU A 142 -9.68 -19.73 2.02
C GLU A 142 -11.02 -20.26 2.51
N ALA A 143 -12.08 -19.72 1.92
CA ALA A 143 -13.46 -20.09 2.25
C ALA A 143 -14.36 -19.94 1.02
N LYS A 144 -15.32 -20.85 0.89
CA LYS A 144 -16.32 -20.76 -0.17
C LYS A 144 -17.65 -20.30 0.41
N VAL A 145 -18.20 -19.24 -0.18
CA VAL A 145 -19.49 -18.70 0.21
C VAL A 145 -20.43 -18.74 -0.99
N GLN A 146 -21.44 -19.59 -0.92
CA GLN A 146 -22.38 -19.77 -2.02
C GLN A 146 -23.78 -19.28 -1.65
N TRP A 147 -24.31 -18.40 -2.49
CA TRP A 147 -25.67 -17.91 -2.32
C TRP A 147 -26.68 -18.82 -3.02
N LYS A 148 -27.74 -19.18 -2.31
CA LYS A 148 -28.87 -19.89 -2.91
C LYS A 148 -30.14 -19.07 -2.71
N VAL A 149 -30.77 -18.69 -3.81
CA VAL A 149 -32.10 -18.09 -3.78
C VAL A 149 -33.08 -19.12 -4.32
N ASP A 150 -33.97 -19.61 -3.45
CA ASP A 150 -34.86 -20.73 -3.75
C ASP A 150 -34.14 -21.89 -4.43
N ASN A 151 -33.09 -22.37 -3.77
CA ASN A 151 -32.23 -23.46 -4.28
C ASN A 151 -31.55 -23.23 -5.63
N ALA A 152 -31.71 -22.04 -6.20
CA ALA A 152 -30.98 -21.67 -7.42
C ALA A 152 -29.66 -20.99 -7.06
N LEU A 153 -28.54 -21.61 -7.46
CA LEU A 153 -27.21 -21.12 -7.10
C LEU A 153 -26.91 -19.80 -7.81
N GLN A 154 -26.37 -18.85 -7.04
CA GLN A 154 -26.12 -17.50 -7.54
C GLN A 154 -24.63 -17.24 -7.71
N SER A 155 -24.27 -16.67 -8.85
CA SER A 155 -22.89 -16.33 -9.17
C SER A 155 -22.84 -14.97 -9.88
N GLY A 156 -21.77 -14.22 -9.65
CA GLY A 156 -21.54 -12.96 -10.35
C GLY A 156 -22.36 -11.78 -9.89
N ASN A 157 -23.45 -12.04 -9.15
CA ASN A 157 -24.29 -10.98 -8.60
C ASN A 157 -24.02 -10.72 -7.11
N SER A 158 -22.85 -11.16 -6.63
CA SER A 158 -22.39 -10.88 -5.27
C SER A 158 -20.92 -10.46 -5.25
N GLN A 159 -20.55 -9.67 -4.25
CA GLN A 159 -19.16 -9.25 -4.05
C GLN A 159 -18.66 -9.60 -2.65
N GLU A 160 -17.37 -9.90 -2.54
CA GLU A 160 -16.75 -10.21 -1.25
C GLU A 160 -15.69 -9.18 -0.86
N SER A 161 -15.52 -8.98 0.43
CA SER A 161 -14.37 -8.22 0.95
C SER A 161 -13.93 -8.78 2.31
N VAL A 162 -12.64 -8.71 2.57
CA VAL A 162 -12.03 -9.36 3.73
C VAL A 162 -11.19 -8.36 4.53
N THR A 163 -11.38 -8.37 5.85
CA THR A 163 -10.58 -7.56 6.75
C THR A 163 -9.16 -8.11 6.81
N GLU A 164 -8.25 -7.29 7.33
CA GLU A 164 -6.88 -7.70 7.52
C GLU A 164 -6.80 -8.65 8.72
N GLN A 165 -5.81 -9.53 8.70
CA GLN A 165 -5.62 -10.50 9.76
C GLN A 165 -5.64 -9.78 11.09
N ASP A 166 -6.53 -10.19 11.99
CA ASP A 166 -6.71 -9.55 13.29
C ASP A 166 -5.38 -9.56 14.05
N SER A 167 -5.03 -8.43 14.64
CA SER A 167 -3.72 -8.26 15.27
C SER A 167 -3.50 -9.15 16.49
N LYS A 168 -4.59 -9.48 17.18
CA LYS A 168 -4.51 -10.30 18.39
C LYS A 168 -4.62 -11.81 18.14
N ASP A 169 -5.68 -12.25 17.45
CA ASP A 169 -5.93 -13.68 17.26
C ASP A 169 -5.64 -14.23 15.84
N SER A 170 -5.24 -13.34 14.94
CA SER A 170 -4.78 -13.70 13.58
C SER A 170 -5.87 -14.27 12.67
N THR A 171 -7.13 -13.91 12.94
CA THR A 171 -8.26 -14.41 12.16
C THR A 171 -8.77 -13.38 11.15
N TYR A 172 -9.43 -13.89 10.11
CA TYR A 172 -10.09 -13.07 9.11
C TYR A 172 -11.58 -13.03 9.38
N SER A 173 -12.24 -11.99 8.86
CA SER A 173 -13.69 -11.96 8.79
C SER A 173 -14.09 -11.61 7.36
N LEU A 174 -15.15 -12.24 6.87
CA LEU A 174 -15.57 -12.05 5.48
C LEU A 174 -17.03 -11.60 5.42
N SER A 175 -17.29 -10.61 4.57
CA SER A 175 -18.65 -10.20 4.24
C SER A 175 -18.91 -10.49 2.77
N SER A 176 -20.07 -11.09 2.50
CA SER A 176 -20.53 -11.33 1.13
C SER A 176 -21.89 -10.66 0.95
N THR A 177 -21.96 -9.74 -0.01
CA THR A 177 -23.17 -8.98 -0.27
C THR A 177 -23.82 -9.36 -1.62
N LEU A 178 -25.02 -9.90 -1.54
CA LEU A 178 -25.83 -10.20 -2.72
C LEU A 178 -26.68 -8.99 -3.06
N THR A 179 -26.67 -8.60 -4.34
CA THR A 179 -27.43 -7.46 -4.80
C THR A 179 -28.53 -7.87 -5.78
N LEU A 180 -29.76 -7.48 -5.45
CA LEU A 180 -30.93 -7.73 -6.30
C LEU A 180 -31.80 -6.48 -6.34
N SER A 181 -32.57 -6.33 -7.41
CA SER A 181 -33.61 -5.29 -7.46
C SER A 181 -34.76 -5.70 -6.55
N LYS A 182 -35.54 -4.74 -6.07
CA LYS A 182 -36.67 -5.07 -5.20
C LYS A 182 -37.58 -6.09 -5.88
N ALA A 183 -38.00 -5.79 -7.11
CA ALA A 183 -38.85 -6.67 -7.90
C ALA A 183 -38.34 -8.11 -7.92
N ASP A 184 -37.03 -8.26 -8.14
CA ASP A 184 -36.37 -9.57 -8.20
C ASP A 184 -36.37 -10.24 -6.83
N TYR A 185 -36.18 -9.43 -5.79
CA TYR A 185 -36.17 -9.91 -4.41
C TYR A 185 -37.56 -10.37 -3.95
N GLU A 186 -38.59 -9.64 -4.37
CA GLU A 186 -39.99 -9.95 -4.00
C GLU A 186 -40.51 -11.23 -4.68
N LYS A 187 -39.82 -11.67 -5.72
CA LYS A 187 -40.20 -12.85 -6.51
C LYS A 187 -39.75 -14.20 -5.93
N HIS A 188 -39.06 -14.17 -4.79
CA HIS A 188 -38.46 -15.38 -4.23
C HIS A 188 -38.57 -15.44 -2.70
N LYS A 189 -38.47 -16.65 -2.14
CA LYS A 189 -38.76 -16.87 -0.72
C LYS A 189 -37.55 -17.22 0.14
N VAL A 190 -36.84 -18.30 -0.21
CA VAL A 190 -35.71 -18.79 0.59
C VAL A 190 -34.39 -18.18 0.16
N TYR A 191 -33.76 -17.45 1.08
CA TYR A 191 -32.47 -16.83 0.85
C TYR A 191 -31.44 -17.46 1.77
N ALA A 192 -30.57 -18.29 1.18
CA ALA A 192 -29.62 -19.08 1.93
C ALA A 192 -28.18 -18.69 1.62
N CYS A 193 -27.33 -18.80 2.63
CA CYS A 193 -25.91 -18.61 2.49
C CYS A 193 -25.20 -19.87 2.99
N GLU A 194 -24.52 -20.57 2.09
CA GLU A 194 -23.79 -21.78 2.42
C GLU A 194 -22.31 -21.48 2.48
N VAL A 195 -21.64 -22.01 3.49
CA VAL A 195 -20.22 -21.76 3.74
C VAL A 195 -19.42 -23.05 3.88
N THR A 196 -18.43 -23.21 3.00
CA THR A 196 -17.48 -24.29 3.13
C THR A 196 -16.15 -23.74 3.63
N HIS A 197 -15.67 -24.29 4.74
CA HIS A 197 -14.41 -23.86 5.35
C HIS A 197 -13.74 -25.02 6.08
N GLN A 198 -12.40 -25.08 6.00
CA GLN A 198 -11.61 -26.15 6.61
C GLN A 198 -12.04 -26.48 8.05
N GLY A 199 -12.27 -25.44 8.84
CA GLY A 199 -12.66 -25.58 10.26
C GLY A 199 -14.04 -26.14 10.49
N LEU A 200 -14.89 -26.07 9.46
CA LEU A 200 -16.22 -26.67 9.50
C LEU A 200 -16.15 -28.12 9.06
N SER A 201 -16.71 -29.02 9.87
CA SER A 201 -16.65 -30.45 9.59
C SER A 201 -17.63 -30.88 8.48
N SER A 202 -18.38 -29.90 7.96
CA SER A 202 -19.27 -30.04 6.79
C SER A 202 -19.95 -28.68 6.53
N PRO A 203 -20.39 -28.42 5.28
CA PRO A 203 -20.90 -27.08 4.95
C PRO A 203 -22.07 -26.64 5.83
N VAL A 204 -22.09 -25.35 6.18
CA VAL A 204 -23.10 -24.79 7.10
C VAL A 204 -23.92 -23.71 6.41
N THR A 205 -25.24 -23.90 6.41
CA THR A 205 -26.18 -23.03 5.72
C THR A 205 -26.95 -22.14 6.71
N LYS A 206 -26.99 -20.84 6.43
CA LYS A 206 -27.82 -19.90 7.20
C LYS A 206 -28.86 -19.26 6.27
N SER A 207 -30.13 -19.27 6.68
CA SER A 207 -31.21 -18.82 5.81
C SER A 207 -32.31 -18.05 6.52
N PHE A 208 -33.16 -17.42 5.71
CA PHE A 208 -34.37 -16.78 6.19
C PHE A 208 -35.41 -16.82 5.07
N ASN A 209 -36.69 -16.86 5.46
CA ASN A 209 -37.76 -16.78 4.49
C ASN A 209 -38.28 -15.36 4.42
N ARG A 210 -38.19 -14.75 3.25
CA ARG A 210 -38.71 -13.40 3.03
C ARG A 210 -40.20 -13.39 3.38
N GLY A 211 -40.61 -12.41 4.17
CA GLY A 211 -41.99 -12.31 4.64
C GLY A 211 -42.12 -12.86 6.06
N GLU A 212 -41.59 -14.07 6.25
CA GLU A 212 -41.49 -14.68 7.57
C GLU A 212 -40.22 -14.16 8.25
N CYS A 213 -40.20 -12.86 8.52
CA CYS A 213 -39.06 -12.15 9.11
C CYS A 213 -37.81 -12.21 8.25
N PCA B 1 12.83 16.22 13.81
CA PCA B 1 12.98 15.06 12.96
CB PCA B 1 12.03 14.01 13.58
CG PCA B 1 11.33 14.69 14.74
CD PCA B 1 11.94 16.07 14.78
OE PCA B 1 11.64 16.90 15.62
C PCA B 1 12.60 15.32 11.53
O PCA B 1 12.03 16.37 11.22
N VAL B 2 12.93 14.38 10.65
CA VAL B 2 12.57 14.49 9.23
C VAL B 2 11.11 14.10 9.02
N THR B 3 10.30 15.07 8.58
CA THR B 3 8.88 14.82 8.30
C THR B 3 8.47 15.34 6.93
N LEU B 4 7.54 14.64 6.29
CA LEU B 4 6.99 15.05 5.00
C LEU B 4 5.47 14.93 5.03
N LYS B 5 4.78 16.00 4.66
CA LYS B 5 3.31 16.01 4.64
C LYS B 5 2.79 16.36 3.25
N GLU B 6 1.93 15.51 2.70
CA GLU B 6 1.26 15.80 1.42
C GLU B 6 0.01 16.64 1.64
N SER B 7 -0.28 17.52 0.68
CA SER B 7 -1.47 18.36 0.70
C SER B 7 -2.75 17.53 0.78
N GLY B 8 -3.84 18.15 1.23
CA GLY B 8 -5.13 17.47 1.42
C GLY B 8 -5.59 16.67 0.22
N PRO B 9 -6.37 15.59 0.46
CA PRO B 9 -6.91 14.71 -0.58
C PRO B 9 -7.74 15.48 -1.61
N VAL B 10 -7.56 15.14 -2.89
CA VAL B 10 -8.26 15.84 -3.97
C VAL B 10 -9.02 14.88 -4.87
N LEU B 11 -10.16 15.37 -5.37
CA LEU B 11 -10.93 14.68 -6.41
C LEU B 11 -10.66 15.35 -7.76
N VAL B 12 -10.21 14.56 -8.73
CA VAL B 12 -9.86 15.09 -10.05
C VAL B 12 -10.71 14.45 -11.15
N LYS B 13 -11.43 15.28 -11.90
CA LYS B 13 -12.19 14.81 -13.05
C LYS B 13 -11.23 14.45 -14.19
N PRO B 14 -11.54 13.38 -14.97
CA PRO B 14 -10.64 12.91 -16.03
C PRO B 14 -10.22 14.01 -17.03
N THR B 15 -9.06 13.79 -17.66
CA THR B 15 -8.41 14.74 -18.59
C THR B 15 -7.92 16.06 -17.96
N GLU B 16 -8.20 16.26 -16.68
CA GLU B 16 -7.75 17.46 -15.98
C GLU B 16 -6.39 17.28 -15.27
N THR B 17 -6.02 18.27 -14.47
CA THR B 17 -4.67 18.37 -13.91
C THR B 17 -4.62 18.20 -12.39
N LEU B 18 -3.67 17.39 -11.93
CA LEU B 18 -3.44 17.16 -10.51
C LEU B 18 -2.23 17.97 -10.03
N THR B 19 -2.43 18.77 -8.98
CA THR B 19 -1.35 19.49 -8.32
C THR B 19 -1.23 19.03 -6.85
N LEU B 20 -0.10 18.42 -6.52
CA LEU B 20 0.18 18.01 -5.15
C LEU B 20 1.36 18.78 -4.57
N THR B 21 1.23 19.15 -3.30
CA THR B 21 2.28 19.88 -2.57
C THR B 21 2.80 19.01 -1.42
N CYS B 22 4.12 18.88 -1.34
CA CYS B 22 4.75 18.14 -0.24
C CYS B 22 5.47 19.11 0.70
N THR B 23 4.86 19.37 1.84
CA THR B 23 5.43 20.27 2.84
C THR B 23 6.46 19.52 3.69
N VAL B 24 7.66 20.08 3.72
CA VAL B 24 8.84 19.40 4.27
C VAL B 24 9.32 20.09 5.54
N SER B 25 9.76 19.29 6.51
CA SER B 25 10.30 19.80 7.76
C SER B 25 11.42 18.91 8.27
N GLY B 26 12.38 19.54 8.97
CA GLY B 26 13.52 18.82 9.54
C GLY B 26 14.70 18.76 8.60
N PHE B 27 14.54 19.34 7.41
CA PHE B 27 15.64 19.47 6.45
C PHE B 27 15.37 20.58 5.43
N SER B 28 16.45 21.22 4.98
CA SER B 28 16.38 22.31 4.02
C SER B 28 16.48 21.76 2.60
N LEU B 29 15.69 22.34 1.70
CA LEU B 29 15.63 21.88 0.31
C LEU B 29 16.79 22.41 -0.55
N SER B 30 17.75 23.08 0.09
CA SER B 30 18.96 23.54 -0.57
C SER B 30 20.22 22.88 0.01
N THR B 31 20.04 22.05 1.02
CA THR B 31 21.14 21.31 1.63
C THR B 31 21.69 20.25 0.66
N TYR B 32 23.02 20.14 0.59
CA TYR B 32 23.67 19.11 -0.23
C TYR B 32 23.14 17.72 0.13
N GLY B 33 22.81 16.93 -0.89
CA GLY B 33 22.37 15.55 -0.70
C GLY B 33 20.86 15.34 -0.62
N VAL B 34 20.11 16.42 -0.41
CA VAL B 34 18.65 16.33 -0.27
C VAL B 34 17.94 16.07 -1.61
N GLY B 35 17.03 15.10 -1.60
CA GLY B 35 16.19 14.77 -2.75
C GLY B 35 14.84 14.28 -2.27
N VAL B 36 13.78 14.77 -2.91
CA VAL B 36 12.41 14.39 -2.55
C VAL B 36 11.73 13.81 -3.78
N GLY B 37 11.11 12.65 -3.61
CA GLY B 37 10.44 11.94 -4.71
C GLY B 37 8.95 11.77 -4.52
N TRP B 38 8.26 11.42 -5.59
CA TRP B 38 6.85 11.06 -5.53
C TRP B 38 6.66 9.61 -5.98
N ILE B 39 6.01 8.83 -5.12
CA ILE B 39 5.70 7.43 -5.41
C ILE B 39 4.20 7.22 -5.18
N ARG B 40 3.54 6.55 -6.12
CA ARG B 40 2.11 6.30 -6.00
C ARG B 40 1.79 4.81 -5.84
N GLN B 41 0.60 4.55 -5.34
CA GLN B 41 0.13 3.19 -5.09
C GLN B 41 -1.37 3.11 -5.32
N PRO B 42 -1.78 2.49 -6.45
CA PRO B 42 -3.20 2.22 -6.69
C PRO B 42 -3.74 1.28 -5.61
N PRO B 43 -5.02 1.46 -5.19
CA PRO B 43 -5.58 0.63 -4.13
C PRO B 43 -5.37 -0.85 -4.41
N GLY B 44 -4.73 -1.53 -3.46
CA GLY B 44 -4.47 -2.97 -3.56
C GLY B 44 -3.47 -3.39 -4.63
N LYS B 45 -2.56 -2.49 -5.00
CA LYS B 45 -1.56 -2.78 -6.05
C LYS B 45 -0.14 -2.34 -5.66
N ALA B 46 0.81 -2.57 -6.55
CA ALA B 46 2.22 -2.29 -6.31
C ALA B 46 2.55 -0.79 -6.27
N LEU B 47 3.77 -0.47 -5.86
CA LEU B 47 4.24 0.91 -5.86
C LEU B 47 4.77 1.32 -7.24
N GLU B 48 4.55 2.59 -7.59
CA GLU B 48 5.09 3.14 -8.83
C GLU B 48 5.74 4.49 -8.57
N TRP B 49 7.01 4.60 -8.95
CA TRP B 49 7.75 5.85 -8.83
C TRP B 49 7.32 6.82 -9.92
N LEU B 50 7.21 8.10 -9.58
CA LEU B 50 6.76 9.11 -10.53
C LEU B 50 7.88 10.07 -10.94
N ALA B 51 8.47 10.75 -9.96
CA ALA B 51 9.51 11.75 -10.21
C ALA B 51 10.23 12.12 -8.92
N HIS B 52 11.45 12.64 -9.04
CA HIS B 52 12.16 13.22 -7.91
C HIS B 52 13.09 14.35 -8.31
N ILE B 53 13.19 15.36 -7.44
CA ILE B 53 14.00 16.55 -7.68
C ILE B 53 15.06 16.67 -6.58
N TRP B 54 16.28 17.03 -6.98
CA TRP B 54 17.38 17.25 -6.03
C TRP B 54 17.52 18.72 -5.63
N TRP B 55 18.29 18.96 -4.57
CA TRP B 55 18.55 20.31 -4.04
C TRP B 55 19.08 21.31 -5.06
N ASP B 56 19.76 20.82 -6.09
CA ASP B 56 20.30 21.64 -7.18
C ASP B 56 19.43 21.61 -8.44
N ASP B 57 18.15 21.30 -8.25
CA ASP B 57 17.11 21.33 -9.31
C ASP B 57 17.18 20.22 -10.37
N VAL B 58 18.10 19.27 -10.21
CA VAL B 58 18.19 18.10 -11.08
C VAL B 58 16.95 17.21 -10.90
N LYS B 59 16.25 16.94 -12.01
CA LYS B 59 14.99 16.21 -12.00
C LYS B 59 15.07 14.90 -12.79
N ARG B 60 14.44 13.85 -12.24
CA ARG B 60 14.23 12.59 -12.96
C ARG B 60 12.73 12.26 -13.00
N TYR B 61 12.28 11.69 -14.12
CA TYR B 61 10.85 11.40 -14.33
C TYR B 61 10.61 9.97 -14.80
N ASN B 62 9.44 9.41 -14.47
CA ASN B 62 9.02 8.10 -14.99
C ASN B 62 8.92 8.17 -16.51
N PRO B 63 9.67 7.29 -17.22
CA PRO B 63 9.77 7.34 -18.69
C PRO B 63 8.42 7.21 -19.40
N ALA B 64 7.54 6.37 -18.88
CA ALA B 64 6.19 6.17 -19.44
C ALA B 64 5.29 7.40 -19.29
N LEU B 65 5.57 8.23 -18.27
CA LEU B 65 4.71 9.37 -17.92
C LEU B 65 5.43 10.72 -17.99
N LYS B 66 6.65 10.71 -18.52
CA LYS B 66 7.52 11.90 -18.58
C LYS B 66 6.80 13.13 -19.11
N SER B 67 5.99 12.93 -20.16
CA SER B 67 5.32 14.02 -20.86
C SER B 67 4.20 14.69 -20.05
N ARG B 68 3.67 13.99 -19.05
CA ARG B 68 2.58 14.53 -18.22
C ARG B 68 3.08 15.10 -16.89
N LEU B 69 4.28 14.69 -16.48
CA LEU B 69 4.82 15.04 -15.17
C LEU B 69 5.68 16.30 -15.16
N THR B 70 5.53 17.10 -14.11
CA THR B 70 6.36 18.26 -13.85
C THR B 70 6.60 18.39 -12.35
N ILE B 71 7.86 18.32 -11.93
CA ILE B 71 8.22 18.47 -10.52
C ILE B 71 9.08 19.72 -10.31
N SER B 72 8.80 20.44 -9.23
CA SER B 72 9.55 21.64 -8.86
C SER B 72 9.73 21.72 -7.34
N LYS B 73 10.68 22.53 -6.91
CA LYS B 73 10.91 22.76 -5.49
C LYS B 73 11.08 24.25 -5.15
N ASP B 74 10.66 24.63 -3.96
CA ASP B 74 10.80 25.99 -3.47
C ASP B 74 11.36 25.92 -2.04
N THR B 75 12.66 26.19 -1.93
CA THR B 75 13.41 26.06 -0.67
C THR B 75 12.85 26.86 0.52
N SER B 76 12.51 28.13 0.28
CA SER B 76 12.00 29.01 1.35
C SER B 76 10.64 28.56 1.88
N LYS B 77 9.75 28.18 0.96
CA LYS B 77 8.42 27.67 1.31
C LYS B 77 8.47 26.25 1.88
N SER B 78 9.63 25.60 1.74
CA SER B 78 9.85 24.22 2.19
C SER B 78 8.89 23.23 1.51
N GLN B 79 8.69 23.42 0.21
CA GLN B 79 7.70 22.63 -0.53
C GLN B 79 8.25 21.97 -1.79
N VAL B 80 7.66 20.83 -2.16
CA VAL B 80 7.91 20.19 -3.45
C VAL B 80 6.56 19.96 -4.14
N VAL B 81 6.38 20.59 -5.30
CA VAL B 81 5.14 20.48 -6.07
C VAL B 81 5.25 19.43 -7.18
N LEU B 82 4.22 18.60 -7.32
CA LEU B 82 4.10 17.70 -8.46
C LEU B 82 2.85 18.01 -9.27
N THR B 83 3.05 18.24 -10.57
CA THR B 83 1.95 18.46 -11.50
C THR B 83 1.81 17.26 -12.43
N MET B 84 0.60 16.72 -12.52
CA MET B 84 0.30 15.64 -13.45
C MET B 84 -0.93 16.03 -14.27
N THR B 85 -0.72 16.18 -15.58
CA THR B 85 -1.77 16.62 -16.50
C THR B 85 -2.56 15.44 -17.07
N ASN B 86 -3.68 15.75 -17.74
CA ASN B 86 -4.52 14.75 -18.41
C ASN B 86 -4.72 13.47 -17.58
N MET B 87 -5.36 13.63 -16.42
CA MET B 87 -5.56 12.53 -15.47
C MET B 87 -6.54 11.48 -15.97
N ASP B 88 -6.22 10.22 -15.67
CA ASP B 88 -7.07 9.09 -16.03
C ASP B 88 -7.58 8.40 -14.76
N PRO B 89 -8.80 7.83 -14.80
CA PRO B 89 -9.30 7.01 -13.69
C PRO B 89 -8.30 5.96 -13.17
N VAL B 90 -7.45 5.45 -14.06
CA VAL B 90 -6.45 4.46 -13.66
C VAL B 90 -5.35 5.06 -12.77
N ASP B 91 -5.34 6.39 -12.67
CA ASP B 91 -4.39 7.11 -11.82
C ASP B 91 -4.86 7.23 -10.37
N THR B 92 -6.07 6.72 -10.09
CA THR B 92 -6.63 6.74 -8.74
C THR B 92 -5.71 5.96 -7.80
N ALA B 93 -5.11 6.67 -6.84
CA ALA B 93 -4.06 6.11 -6.01
C ALA B 93 -3.75 6.94 -4.76
N THR B 94 -3.00 6.33 -3.84
CA THR B 94 -2.40 7.05 -2.73
C THR B 94 -1.04 7.57 -3.20
N TYR B 95 -0.83 8.88 -3.05
CA TYR B 95 0.40 9.52 -3.51
C TYR B 95 1.31 9.89 -2.35
N TYR B 96 2.54 9.38 -2.39
CA TYR B 96 3.53 9.56 -1.33
C TYR B 96 4.67 10.45 -1.79
N CYS B 97 5.05 11.40 -0.94
CA CYS B 97 6.34 12.07 -1.07
C CYS B 97 7.31 11.52 -0.03
N ALA B 98 8.52 11.20 -0.47
CA ALA B 98 9.53 10.59 0.40
C ALA B 98 10.93 11.11 0.10
N ARG B 99 11.71 11.34 1.15
CA ARG B 99 13.09 11.79 0.99
C ARG B 99 13.99 10.64 0.54
N LEU B 100 14.96 10.96 -0.31
CA LEU B 100 15.91 9.97 -0.79
C LEU B 100 16.97 9.68 0.27
N GLY B 101 17.35 8.40 0.37
CA GLY B 101 18.25 7.94 1.44
C GLY B 101 19.72 8.09 1.13
N SER B 102 20.02 8.64 -0.05
CA SER B 102 21.40 8.84 -0.50
C SER B 102 21.58 10.22 -1.13
N ASP B 103 22.83 10.65 -1.25
CA ASP B 103 23.15 11.94 -1.89
C ASP B 103 23.33 11.82 -3.41
N TYR B 104 23.30 10.59 -3.94
CA TYR B 104 23.34 10.36 -5.39
C TYR B 104 22.48 9.18 -5.84
N ASP B 105 22.36 8.17 -4.98
CA ASP B 105 21.64 6.94 -5.29
C ASP B 105 20.16 7.07 -4.88
N VAL B 106 19.33 6.17 -5.40
CA VAL B 106 17.88 6.30 -5.19
C VAL B 106 17.26 5.15 -4.39
N TRP B 107 16.93 5.46 -3.14
CA TRP B 107 16.04 4.69 -2.30
C TRP B 107 15.43 5.65 -1.28
N PHE B 108 14.26 5.31 -0.75
CA PHE B 108 13.49 6.24 0.07
C PHE B 108 13.41 5.82 1.55
N ASP B 109 13.89 6.68 2.44
CA ASP B 109 14.04 6.30 3.85
C ASP B 109 13.01 6.93 4.79
N TYR B 110 12.68 8.20 4.57
CA TYR B 110 11.59 8.85 5.27
C TYR B 110 10.43 9.05 4.30
N TRP B 111 9.23 8.68 4.71
CA TRP B 111 8.05 8.76 3.86
C TRP B 111 6.97 9.61 4.52
N GLY B 112 6.18 10.29 3.69
CA GLY B 112 5.01 11.03 4.17
C GLY B 112 3.87 10.08 4.47
N GLN B 113 2.79 10.58 5.07
CA GLN B 113 1.64 9.73 5.41
C GLN B 113 0.79 9.31 4.20
N GLY B 114 1.00 9.96 3.06
CA GLY B 114 0.27 9.65 1.82
C GLY B 114 -1.04 10.40 1.68
N THR B 115 -1.49 10.57 0.44
CA THR B 115 -2.75 11.27 0.18
C THR B 115 -3.56 10.59 -0.95
N LEU B 116 -4.85 10.41 -0.73
CA LEU B 116 -5.71 9.77 -1.72
C LEU B 116 -6.11 10.73 -2.82
N VAL B 117 -5.88 10.32 -4.06
CA VAL B 117 -6.35 11.06 -5.23
C VAL B 117 -7.25 10.15 -6.03
N THR B 118 -8.52 10.53 -6.16
CA THR B 118 -9.46 9.80 -6.99
C THR B 118 -9.70 10.53 -8.31
N VAL B 119 -9.57 9.79 -9.42
CA VAL B 119 -9.91 10.33 -10.74
C VAL B 119 -11.16 9.61 -11.26
N SER B 120 -12.21 10.38 -11.51
CA SER B 120 -13.54 9.85 -11.84
C SER B 120 -14.49 10.97 -12.24
N SER B 121 -15.45 10.63 -13.10
CA SER B 121 -16.43 11.60 -13.60
C SER B 121 -17.60 11.78 -12.62
N ALA B 122 -17.79 10.80 -11.73
CA ALA B 122 -18.83 10.85 -10.70
C ALA B 122 -18.64 12.04 -9.76
N SER B 123 -19.75 12.53 -9.22
CA SER B 123 -19.72 13.65 -8.27
C SER B 123 -19.80 13.15 -6.83
N THR B 124 -19.28 13.95 -5.90
CA THR B 124 -19.25 13.60 -4.48
C THR B 124 -20.67 13.34 -3.98
N LYS B 125 -20.83 12.23 -3.26
CA LYS B 125 -22.12 11.80 -2.73
C LYS B 125 -21.95 11.16 -1.35
N GLY B 126 -22.81 11.55 -0.41
CA GLY B 126 -22.84 10.97 0.93
C GLY B 126 -23.52 9.60 0.89
N PRO B 127 -23.15 8.72 1.85
CA PRO B 127 -23.66 7.35 1.87
C PRO B 127 -25.08 7.23 2.43
N SER B 128 -25.78 6.18 2.04
CA SER B 128 -27.01 5.78 2.70
C SER B 128 -26.67 4.69 3.73
N VAL B 129 -27.07 4.91 4.97
CA VAL B 129 -26.74 3.98 6.05
C VAL B 129 -27.94 3.12 6.45
N PHE B 130 -27.91 1.87 6.04
CA PHE B 130 -28.97 0.90 6.35
C PHE B 130 -28.55 -0.02 7.49
N PRO B 131 -29.53 -0.48 8.31
CA PRO B 131 -29.17 -1.36 9.42
C PRO B 131 -28.97 -2.82 9.01
N LEU B 132 -28.05 -3.49 9.69
CA LEU B 132 -27.95 -4.94 9.63
C LEU B 132 -28.42 -5.47 10.98
N ALA B 133 -29.74 -5.60 11.10
CA ALA B 133 -30.42 -5.87 12.36
C ALA B 133 -30.07 -7.25 12.94
N PRO B 134 -29.95 -7.33 14.29
CA PRO B 134 -29.61 -8.55 15.03
C PRO B 134 -30.31 -9.80 14.53
N SER B 135 -29.53 -10.85 14.29
CA SER B 135 -30.02 -12.11 13.74
C SER B 135 -30.68 -13.04 14.78
N SER B 136 -30.73 -12.59 16.03
CA SER B 136 -31.36 -13.35 17.11
C SER B 136 -32.04 -12.46 18.15
N LYS B 137 -32.98 -13.04 18.90
CA LYS B 137 -33.72 -12.34 19.94
C LYS B 137 -32.84 -12.15 21.18
N SER B 138 -33.29 -11.30 22.11
CA SER B 138 -32.57 -11.04 23.36
C SER B 138 -32.45 -12.28 24.26
N THR B 139 -33.52 -13.07 24.31
CA THR B 139 -33.51 -14.35 25.03
C THR B 139 -33.22 -15.52 24.08
N SER B 140 -32.15 -15.41 23.31
CA SER B 140 -31.74 -16.46 22.38
C SER B 140 -30.73 -17.41 23.05
N GLY B 141 -29.67 -16.83 23.59
CA GLY B 141 -28.64 -17.60 24.28
C GLY B 141 -27.30 -17.58 23.56
N GLY B 142 -27.28 -17.05 22.33
CA GLY B 142 -26.05 -16.99 21.55
C GLY B 142 -25.44 -15.60 21.51
N THR B 143 -24.31 -15.47 20.84
CA THR B 143 -23.79 -14.16 20.51
C THR B 143 -24.44 -13.72 19.20
N ALA B 144 -24.91 -12.48 19.17
CA ALA B 144 -25.59 -11.95 17.99
C ALA B 144 -24.69 -10.95 17.27
N ALA B 145 -24.66 -11.04 15.95
CA ALA B 145 -23.97 -10.05 15.13
C ALA B 145 -24.96 -9.02 14.61
N LEU B 146 -24.55 -7.75 14.67
CA LEU B 146 -25.31 -6.65 14.12
C LEU B 146 -24.35 -5.67 13.48
N GLY B 147 -24.86 -4.80 12.60
CA GLY B 147 -24.00 -3.84 11.92
C GLY B 147 -24.69 -2.77 11.08
N CYS B 148 -23.89 -2.11 10.25
CA CYS B 148 -24.37 -1.04 9.38
C CYS B 148 -23.86 -1.21 7.95
N LEU B 149 -24.80 -1.23 7.02
CA LEU B 149 -24.48 -1.16 5.61
C LEU B 149 -24.31 0.31 5.22
N VAL B 150 -23.12 0.65 4.74
CA VAL B 150 -22.81 2.00 4.32
C VAL B 150 -22.72 1.98 2.80
N LYS B 151 -23.84 2.28 2.16
CA LYS B 151 -23.98 2.07 0.73
C LYS B 151 -23.93 3.35 -0.09
N ASP B 152 -23.39 3.22 -1.30
CA ASP B 152 -23.47 4.22 -2.35
C ASP B 152 -22.91 5.59 -1.96
N TYR B 153 -21.59 5.65 -1.74
CA TYR B 153 -20.92 6.91 -1.49
C TYR B 153 -19.73 7.12 -2.42
N PHE B 154 -19.29 8.38 -2.51
CA PHE B 154 -18.16 8.75 -3.34
C PHE B 154 -17.60 10.11 -2.91
N PRO B 155 -16.27 10.22 -2.77
CA PRO B 155 -15.32 9.13 -2.90
C PRO B 155 -14.90 8.58 -1.53
N GLU B 156 -13.88 7.71 -1.53
CA GLU B 156 -13.29 7.18 -0.31
C GLU B 156 -12.68 8.30 0.54
N PRO B 157 -12.64 8.13 1.88
CA PRO B 157 -13.17 7.01 2.64
C PRO B 157 -14.31 7.41 3.58
N VAL B 158 -14.98 6.40 4.14
CA VAL B 158 -15.82 6.60 5.31
C VAL B 158 -15.06 6.11 6.55
N THR B 159 -15.37 6.71 7.69
CA THR B 159 -14.90 6.18 8.97
C THR B 159 -16.13 5.69 9.72
N VAL B 160 -16.05 4.48 10.26
CA VAL B 160 -17.15 3.99 11.08
C VAL B 160 -16.66 3.68 12.49
N SER B 161 -17.28 4.33 13.47
CA SER B 161 -17.07 4.01 14.87
C SER B 161 -18.40 3.57 15.46
N TRP B 162 -18.35 2.87 16.58
CA TRP B 162 -19.54 2.45 17.30
C TRP B 162 -19.65 3.14 18.64
N ASN B 163 -20.87 3.41 19.09
CA ASN B 163 -21.15 4.11 20.36
C ASN B 163 -20.20 5.27 20.70
N SER B 164 -19.90 6.08 19.69
CA SER B 164 -19.01 7.25 19.80
C SER B 164 -17.59 6.87 20.23
N GLY B 165 -17.14 5.67 19.83
CA GLY B 165 -15.81 5.18 20.17
C GLY B 165 -15.76 4.27 21.38
N ALA B 166 -16.85 4.20 22.13
CA ALA B 166 -16.90 3.43 23.38
C ALA B 166 -17.10 1.92 23.16
N LEU B 167 -17.35 1.52 21.92
CA LEU B 167 -17.46 0.11 21.55
C LEU B 167 -16.46 -0.23 20.44
N THR B 168 -15.38 -0.88 20.84
CA THR B 168 -14.27 -1.19 19.95
C THR B 168 -14.09 -2.70 19.79
N SER B 169 -14.45 -3.43 20.85
CA SER B 169 -14.32 -4.88 20.90
C SER B 169 -15.35 -5.61 20.03
N GLY B 170 -14.86 -6.48 19.15
CA GLY B 170 -15.71 -7.27 18.26
C GLY B 170 -16.08 -6.60 16.95
N VAL B 171 -15.66 -5.35 16.80
CA VAL B 171 -15.99 -4.54 15.62
C VAL B 171 -15.17 -4.94 14.40
N HIS B 172 -15.85 -5.14 13.27
CA HIS B 172 -15.19 -5.42 11.99
C HIS B 172 -15.72 -4.51 10.88
N THR B 173 -14.96 -3.45 10.57
CA THR B 173 -15.33 -2.55 9.47
C THR B 173 -14.57 -2.98 8.21
N PHE B 174 -15.31 -3.52 7.24
CA PHE B 174 -14.72 -4.10 6.03
C PHE B 174 -14.16 -3.08 5.05
N PRO B 175 -13.21 -3.51 4.19
CA PRO B 175 -12.80 -2.69 3.05
C PRO B 175 -13.98 -2.39 2.14
N ALA B 176 -14.01 -1.18 1.60
CA ALA B 176 -15.03 -0.79 0.64
C ALA B 176 -14.77 -1.48 -0.69
N VAL B 177 -15.84 -1.74 -1.44
CA VAL B 177 -15.74 -2.26 -2.79
C VAL B 177 -16.28 -1.23 -3.78
N LEU B 178 -15.68 -1.19 -4.97
CA LEU B 178 -16.16 -0.33 -6.03
C LEU B 178 -17.24 -1.06 -6.82
N GLN B 179 -18.44 -0.50 -6.81
CA GLN B 179 -19.56 -1.10 -7.51
C GLN B 179 -19.58 -0.70 -8.98
N SER B 180 -20.38 -1.40 -9.77
CA SER B 180 -20.59 -1.10 -11.19
C SER B 180 -20.99 0.36 -11.37
N SER B 181 -21.84 0.84 -10.47
CA SER B 181 -22.30 2.23 -10.45
C SER B 181 -21.17 3.26 -10.22
N GLY B 182 -19.96 2.78 -9.98
CA GLY B 182 -18.82 3.65 -9.70
C GLY B 182 -18.92 4.28 -8.31
N LEU B 183 -19.73 3.67 -7.45
CA LEU B 183 -19.90 4.13 -6.07
C LEU B 183 -19.37 3.07 -5.09
N TYR B 184 -18.94 3.53 -3.91
CA TYR B 184 -18.35 2.63 -2.92
C TYR B 184 -19.36 2.11 -1.90
N SER B 185 -19.08 0.92 -1.36
CA SER B 185 -19.96 0.28 -0.40
C SER B 185 -19.17 -0.61 0.56
N LEU B 186 -19.42 -0.44 1.86
CA LEU B 186 -18.87 -1.33 2.88
C LEU B 186 -19.84 -1.57 4.03
N SER B 187 -19.65 -2.67 4.74
CA SER B 187 -20.39 -2.98 5.95
C SER B 187 -19.48 -2.96 7.16
N SER B 188 -19.95 -2.32 8.23
CA SER B 188 -19.27 -2.42 9.51
C SER B 188 -20.15 -3.23 10.46
N VAL B 189 -19.57 -4.27 11.06
CA VAL B 189 -20.33 -5.12 11.98
C VAL B 189 -19.69 -5.18 13.37
N VAL B 190 -20.48 -5.62 14.34
CA VAL B 190 -20.01 -5.84 15.71
C VAL B 190 -20.75 -7.06 16.28
N THR B 191 -20.03 -7.91 17.02
CA THR B 191 -20.67 -9.05 17.69
C THR B 191 -20.81 -8.75 19.17
N VAL B 192 -22.01 -8.96 19.69
CA VAL B 192 -22.32 -8.74 21.10
C VAL B 192 -23.13 -9.92 21.63
N PRO B 193 -23.16 -10.10 22.97
CA PRO B 193 -24.04 -11.15 23.50
C PRO B 193 -25.51 -10.77 23.32
N SER B 194 -26.36 -11.76 23.03
CA SER B 194 -27.78 -11.49 22.78
C SER B 194 -28.49 -10.98 24.03
N SER B 195 -28.01 -11.37 25.19
CA SER B 195 -28.56 -10.89 26.46
C SER B 195 -28.43 -9.37 26.62
N SER B 196 -27.56 -8.76 25.82
CA SER B 196 -27.33 -7.32 25.87
CA SER B 196 -27.33 -7.32 25.87
C SER B 196 -28.25 -6.55 24.91
N LEU B 197 -28.95 -7.28 24.05
CA LEU B 197 -29.78 -6.67 23.01
C LEU B 197 -31.01 -5.93 23.52
N GLY B 198 -31.51 -6.33 24.68
CA GLY B 198 -32.66 -5.68 25.30
C GLY B 198 -32.29 -4.55 26.25
N THR B 199 -30.99 -4.40 26.51
CA THR B 199 -30.50 -3.44 27.48
C THR B 199 -29.67 -2.34 26.80
N GLN B 200 -28.72 -2.76 25.98
CA GLN B 200 -27.71 -1.86 25.42
C GLN B 200 -28.18 -1.19 24.12
N THR B 201 -27.78 0.07 23.96
CA THR B 201 -28.04 0.82 22.74
C THR B 201 -26.81 0.73 21.84
N TYR B 202 -27.06 0.43 20.57
CA TYR B 202 -25.98 0.29 19.60
C TYR B 202 -26.14 1.28 18.47
N ILE B 203 -25.21 2.22 18.40
CA ILE B 203 -25.20 3.26 17.37
C ILE B 203 -23.90 3.17 16.57
N CYS B 204 -24.03 3.16 15.24
CA CYS B 204 -22.86 3.24 14.37
C CYS B 204 -22.69 4.67 13.86
N ASN B 205 -21.49 5.22 14.06
CA ASN B 205 -21.19 6.58 13.64
C ASN B 205 -20.42 6.58 12.34
N VAL B 206 -21.10 6.99 11.27
CA VAL B 206 -20.50 7.06 9.94
C VAL B 206 -20.11 8.50 9.63
N ASN B 207 -18.89 8.67 9.13
CA ASN B 207 -18.38 9.98 8.77
C ASN B 207 -17.78 9.91 7.38
N HIS B 208 -18.36 10.68 6.45
CA HIS B 208 -17.86 10.75 5.10
C HIS B 208 -17.43 12.19 4.82
N LYS B 209 -16.28 12.55 5.41
CA LYS B 209 -15.73 13.91 5.31
C LYS B 209 -15.81 14.55 3.92
N PRO B 210 -15.43 13.83 2.84
CA PRO B 210 -15.55 14.40 1.50
C PRO B 210 -16.87 15.12 1.19
N SER B 211 -17.99 14.59 1.67
CA SER B 211 -19.31 15.17 1.42
C SER B 211 -19.87 15.92 2.62
N ASN B 212 -19.03 16.09 3.66
CA ASN B 212 -19.45 16.63 4.95
C ASN B 212 -20.69 15.95 5.53
N THR B 213 -20.67 14.62 5.53
CA THR B 213 -21.80 13.81 6.00
C THR B 213 -21.39 13.00 7.23
N LYS B 214 -21.96 13.37 8.37
CA LYS B 214 -21.88 12.57 9.60
C LYS B 214 -23.24 11.92 9.82
N VAL B 215 -23.26 10.61 10.01
CA VAL B 215 -24.51 9.88 10.28
C VAL B 215 -24.40 9.04 11.55
N ASP B 216 -25.38 9.18 12.42
CA ASP B 216 -25.57 8.30 13.56
C ASP B 216 -26.78 7.40 13.31
N LYS B 217 -26.55 6.09 13.27
CA LYS B 217 -27.60 5.12 12.98
C LYS B 217 -27.76 4.10 14.11
N LYS B 218 -28.94 4.11 14.74
CA LYS B 218 -29.23 3.18 15.81
C LYS B 218 -29.74 1.86 15.23
N VAL B 219 -29.03 0.77 15.53
CA VAL B 219 -29.40 -0.54 15.02
C VAL B 219 -30.14 -1.34 16.10
N GLU B 220 -31.36 -1.75 15.76
CA GLU B 220 -32.29 -2.34 16.71
C GLU B 220 -32.70 -3.73 16.25
N PRO B 221 -32.99 -4.64 17.20
CA PRO B 221 -33.53 -5.95 16.84
C PRO B 221 -34.79 -5.79 15.98
N LYS B 222 -34.84 -6.52 14.87
CA LYS B 222 -35.95 -6.38 13.92
C LYS B 222 -37.25 -6.94 14.49
N SER B 223 -38.17 -6.01 14.83
CA SER B 223 -39.49 -6.36 15.33
C SER B 223 -40.35 -6.86 14.17
N CYS B 224 -40.55 -8.18 14.13
CA CYS B 224 -41.27 -8.83 13.04
C CYS B 224 -42.78 -8.65 13.16
N PRO C 6 24.32 -1.23 -17.00
CA PRO C 6 24.70 -0.10 -17.83
C PRO C 6 25.53 0.93 -17.06
N SER C 7 24.97 1.46 -15.97
CA SER C 7 25.65 2.46 -15.14
C SER C 7 26.50 1.79 -14.05
N THR C 8 27.08 0.65 -14.38
CA THR C 8 27.89 -0.13 -13.44
C THR C 8 29.27 0.49 -13.29
N ALA C 9 29.83 0.95 -14.41
CA ALA C 9 31.18 1.50 -14.45
C ALA C 9 31.28 2.83 -13.70
N LEU C 10 30.35 3.74 -13.98
CA LEU C 10 30.25 5.03 -13.27
C LEU C 10 30.07 4.81 -11.77
N ARG C 11 29.31 3.76 -11.44
CA ARG C 11 29.04 3.38 -10.07
C ARG C 11 30.28 2.92 -9.32
N GLU C 12 31.11 2.12 -9.98
CA GLU C 12 32.33 1.58 -9.36
C GLU C 12 33.38 2.64 -9.10
N LEU C 13 33.46 3.63 -10.00
CA LEU C 13 34.42 4.73 -9.88
C LEU C 13 34.07 5.68 -8.72
N ILE C 14 32.79 6.05 -8.63
CA ILE C 14 32.30 6.86 -7.51
C ILE C 14 32.67 6.19 -6.19
N GLU C 15 32.45 4.88 -6.11
CA GLU C 15 32.74 4.10 -4.93
C GLU C 15 34.23 4.00 -4.60
N GLU C 16 35.08 4.03 -5.63
CA GLU C 16 36.52 4.04 -5.43
C GLU C 16 36.97 5.37 -4.85
N LEU C 17 36.51 6.46 -5.48
CA LEU C 17 36.79 7.83 -5.02
C LEU C 17 36.24 8.09 -3.61
N VAL C 18 35.08 7.51 -3.30
CA VAL C 18 34.49 7.58 -1.96
C VAL C 18 35.39 6.85 -0.95
N ASN C 19 35.95 5.71 -1.36
CA ASN C 19 36.79 4.88 -0.52
C ASN C 19 38.12 5.54 -0.15
N ILE C 20 38.79 6.12 -1.16
CA ILE C 20 40.12 6.70 -0.96
C ILE C 20 40.11 8.09 -0.30
N THR C 21 38.91 8.60 -0.02
CA THR C 21 38.76 9.84 0.75
C THR C 21 37.74 9.64 1.88
N GLN C 22 38.22 9.11 3.01
CA GLN C 22 37.37 8.85 4.17
C GLN C 22 38.15 9.02 5.47
N MET C 43 35.24 15.60 -20.63
CA MET C 43 34.95 15.60 -19.19
C MET C 43 35.73 14.50 -18.48
N TYR C 44 35.50 13.25 -18.88
CA TYR C 44 36.21 12.11 -18.33
C TYR C 44 37.67 12.08 -18.78
N CYS C 45 37.92 12.58 -19.99
CA CYS C 45 39.26 12.63 -20.57
C CYS C 45 40.16 13.67 -19.90
N ALA C 46 39.59 14.84 -19.60
CA ALA C 46 40.34 15.95 -19.01
C ALA C 46 40.78 15.68 -17.57
N ALA C 47 40.07 14.77 -16.89
CA ALA C 47 40.40 14.39 -15.52
C ALA C 47 41.52 13.36 -15.46
N LEU C 48 41.52 12.42 -16.41
CA LEU C 48 42.56 11.41 -16.52
C LEU C 48 43.88 12.00 -16.99
N GLU C 49 43.80 12.96 -17.91
CA GLU C 49 44.97 13.69 -18.43
C GLU C 49 45.70 14.46 -17.32
N SER C 50 44.94 14.93 -16.34
CA SER C 50 45.50 15.66 -15.22
C SER C 50 45.96 14.73 -14.09
N LEU C 51 45.34 13.55 -14.01
CA LEU C 51 45.65 12.58 -12.96
C LEU C 51 46.80 11.64 -13.30
N ILE C 52 46.96 11.32 -14.58
CA ILE C 52 48.05 10.45 -15.04
C ILE C 52 49.38 11.23 -15.10
N ASN C 53 49.65 11.95 -14.02
CA ASN C 53 50.91 12.67 -13.83
C ASN C 53 51.52 12.29 -12.48
N VAL C 54 50.65 11.83 -11.58
CA VAL C 54 51.08 11.35 -10.27
C VAL C 54 51.46 9.88 -10.38
N SER C 55 52.62 9.53 -9.82
CA SER C 55 53.10 8.16 -9.79
C SER C 55 53.66 7.78 -8.42
N GLY C 56 53.96 8.81 -7.62
CA GLY C 56 54.48 8.62 -6.26
C GLY C 56 53.44 8.22 -5.24
N CYS C 57 52.17 8.29 -5.63
CA CYS C 57 51.03 7.94 -4.79
C CYS C 57 50.48 6.57 -5.21
N SER C 58 50.20 5.71 -4.23
CA SER C 58 49.78 4.33 -4.51
C SER C 58 48.26 4.12 -4.63
N ALA C 59 47.49 4.96 -3.93
CA ALA C 59 46.03 4.80 -3.85
C ALA C 59 45.26 5.11 -5.13
N ILE C 60 45.76 6.08 -5.91
CA ILE C 60 45.07 6.56 -7.11
C ILE C 60 45.22 5.67 -8.35
N GLU C 61 46.01 4.60 -8.24
CA GLU C 61 46.25 3.67 -9.34
C GLU C 61 44.94 3.11 -9.91
N LYS C 62 44.03 2.71 -9.03
CA LYS C 62 42.74 2.13 -9.41
C LYS C 62 41.87 3.16 -10.14
N THR C 63 41.86 4.39 -9.62
CA THR C 63 41.10 5.49 -10.20
C THR C 63 41.49 5.74 -11.67
N GLN C 64 42.80 5.76 -11.93
CA GLN C 64 43.34 5.97 -13.28
C GLN C 64 42.96 4.85 -14.24
N ARG C 65 42.91 3.62 -13.74
CA ARG C 65 42.52 2.46 -14.55
C ARG C 65 41.04 2.48 -14.93
N MET C 66 40.19 3.02 -14.05
CA MET C 66 38.76 3.10 -14.30
C MET C 66 38.38 4.23 -15.26
N LEU C 67 39.17 5.30 -15.25
CA LEU C 67 38.90 6.50 -16.07
C LEU C 67 39.10 6.30 -17.57
N SER C 68 40.08 5.46 -17.92
CA SER C 68 40.41 5.20 -19.33
C SER C 68 39.29 4.46 -20.08
N GLY C 69 38.38 3.86 -19.34
CA GLY C 69 37.21 3.19 -19.91
C GLY C 69 36.09 4.15 -20.29
N PHE C 70 36.21 5.40 -19.84
CA PHE C 70 35.23 6.45 -20.14
C PHE C 70 35.74 7.39 -21.22
N CYS C 71 37.05 7.35 -21.47
CA CYS C 71 37.69 8.20 -22.46
C CYS C 71 38.01 7.39 -23.72
N PRO C 72 37.39 7.76 -24.86
CA PRO C 72 37.50 7.02 -26.13
C PRO C 72 38.93 6.86 -26.64
N HIS C 73 39.66 7.97 -26.72
CA HIS C 73 41.07 7.96 -27.13
C HIS C 73 41.99 7.69 -25.94
N LYS C 74 43.12 7.03 -26.20
CA LYS C 74 44.04 6.64 -25.15
C LYS C 74 44.88 7.82 -24.65
N VAL C 75 45.06 7.88 -23.33
CA VAL C 75 45.79 8.99 -22.69
C VAL C 75 47.13 8.50 -22.13
N SER C 76 48.21 9.18 -22.52
CA SER C 76 49.57 8.84 -22.11
C SER C 76 50.28 10.02 -21.44
N ALA C 77 51.24 9.70 -20.57
CA ALA C 77 52.09 10.69 -19.87
C ALA C 77 51.29 11.81 -19.20
N THR C 88 45.74 27.66 -10.66
CA THR C 88 46.01 27.15 -9.32
C THR C 88 46.77 25.82 -9.39
N LYS C 89 47.56 25.54 -8.36
CA LYS C 89 48.46 24.39 -8.35
C LYS C 89 48.11 23.43 -7.20
N ILE C 90 46.84 23.44 -6.79
CA ILE C 90 46.38 22.73 -5.58
C ILE C 90 46.53 21.21 -5.61
N GLU C 91 46.45 20.61 -4.41
CA GLU C 91 46.69 19.19 -4.17
C GLU C 91 45.73 18.25 -4.91
N VAL C 92 46.05 16.97 -4.90
CA VAL C 92 45.25 15.93 -5.55
C VAL C 92 44.01 15.56 -4.71
N ALA C 93 44.12 15.72 -3.38
CA ALA C 93 43.02 15.46 -2.45
C ALA C 93 41.80 16.33 -2.74
N GLN C 94 42.04 17.53 -3.27
CA GLN C 94 40.98 18.47 -3.62
C GLN C 94 40.43 18.23 -5.04
N PHE C 95 41.27 17.71 -5.93
CA PHE C 95 40.86 17.38 -7.29
C PHE C 95 39.92 16.17 -7.30
N VAL C 96 40.19 15.23 -6.40
CA VAL C 96 39.37 14.02 -6.22
C VAL C 96 38.01 14.40 -5.66
N LYS C 97 38.00 15.25 -4.63
CA LYS C 97 36.77 15.79 -4.05
C LYS C 97 35.90 16.45 -5.11
N ASP C 98 36.53 17.26 -5.97
CA ASP C 98 35.84 17.92 -7.06
C ASP C 98 35.28 16.93 -8.07
N LEU C 99 36.09 15.94 -8.44
CA LEU C 99 35.67 14.92 -9.40
C LEU C 99 34.54 14.04 -8.85
N LEU C 100 34.61 13.72 -7.56
CA LEU C 100 33.58 12.92 -6.90
C LEU C 100 32.22 13.62 -6.95
N LEU C 101 32.22 14.93 -6.67
CA LEU C 101 31.03 15.77 -6.79
C LEU C 101 30.42 15.71 -8.19
N HIS C 102 31.27 15.88 -9.20
CA HIS C 102 30.84 15.95 -10.58
C HIS C 102 30.32 14.62 -11.10
N LEU C 103 30.93 13.54 -10.64
CA LEU C 103 30.48 12.19 -11.00
C LEU C 103 29.15 11.86 -10.34
N LYS C 104 28.98 12.30 -9.09
CA LYS C 104 27.70 12.20 -8.39
C LYS C 104 26.59 12.98 -9.10
N LYS C 105 26.92 14.14 -9.65
CA LYS C 105 25.96 14.94 -10.40
C LYS C 105 25.64 14.35 -11.79
N LEU C 106 26.61 13.65 -12.38
CA LEU C 106 26.40 12.95 -13.66
C LEU C 106 25.48 11.75 -13.45
N PHE C 107 25.68 11.05 -12.34
CA PHE C 107 24.85 9.93 -11.93
C PHE C 107 23.41 10.38 -11.68
N ARG C 108 23.24 11.45 -10.90
CA ARG C 108 21.92 11.99 -10.57
C ARG C 108 21.15 12.46 -11.79
N GLU C 109 21.89 12.94 -12.80
CA GLU C 109 21.30 13.36 -14.07
C GLU C 109 21.12 12.17 -15.01
N GLY C 110 21.88 11.11 -14.77
CA GLY C 110 21.84 9.90 -15.60
C GLY C 110 22.60 10.08 -16.89
N ARG C 111 23.85 10.52 -16.77
CA ARG C 111 24.66 10.92 -17.91
C ARG C 111 26.12 10.50 -17.73
#